data_7CQZ
#
_entry.id   7CQZ
#
_cell.length_a   51.827
_cell.length_b   59.200
_cell.length_c   173.432
_cell.angle_alpha   90.000
_cell.angle_beta   90.000
_cell.angle_gamma   90.000
#
_symmetry.space_group_name_H-M   'P 21 21 21'
#
loop_
_entity.id
_entity.type
_entity.pdbx_description
1 polymer 'Terminal nucleotidyltransferase 5C'
2 non-polymer 'CHLORIDE ION'
3 non-polymer GLYCEROL
4 water water
#
_entity_poly.entity_id   1
_entity_poly.type   'polypeptide(L)'
_entity_poly.pdbx_seq_one_letter_code
;MAEEGSSTKDSESFSVLNWDQVSRLHEVLTEVVPIHGRGNFPTLEITLKDIVQTVRGRLEEAGINVQDVRLNGSAAGHVL
VKDNGLGCKDLDLIFHVALPTEAEFQLVRDVVLCSLLNFLPEGVNKLKISPVTLKEAYVQKLVKVCTDTDRWSLISLSNK
NGRNVELKFVDSIRRQFEFSVDSFQIILDSLLFFYDCSGNPISEHFHPTVIGESMYGDFEEAFDHLQNRLIATKNPEEIR
GGGLLKYSNLLVRDFRPADQEEIKTLERYMCSRFFIDFPDILEQQRKLETYLQNHFSDEERSKYDYLMILRRVVNESTVC
LMGHERRQTLNLISLLALRVLAEQNIIPS
;
_entity_poly.pdbx_strand_id   A
#
loop_
_chem_comp.id
_chem_comp.type
_chem_comp.name
_chem_comp.formula
CL non-polymer 'CHLORIDE ION' 'Cl -1'
GOL non-polymer GLYCEROL 'C3 H8 O3'
#
# COMPACT_ATOMS: atom_id res chain seq x y z
N ASP A 10 2.27 -21.87 -8.58
CA ASP A 10 3.45 -22.26 -9.34
C ASP A 10 4.04 -21.06 -10.09
N SER A 11 4.73 -21.35 -11.20
CA SER A 11 5.39 -20.32 -11.97
C SER A 11 4.43 -19.41 -12.74
N GLU A 12 3.14 -19.74 -12.77
CA GLU A 12 2.19 -18.90 -13.49
C GLU A 12 2.01 -17.54 -12.83
N SER A 13 2.30 -17.42 -11.53
CA SER A 13 2.16 -16.17 -10.82
C SER A 13 3.43 -15.32 -10.83
N PHE A 14 4.55 -15.87 -11.29
CA PHE A 14 5.81 -15.16 -11.31
C PHE A 14 6.18 -14.76 -12.74
N SER A 15 7.11 -13.80 -12.84
CA SER A 15 7.57 -13.33 -14.13
C SER A 15 8.93 -12.65 -13.95
N VAL A 16 9.73 -12.69 -15.00
CA VAL A 16 11.05 -12.07 -15.00
C VAL A 16 10.91 -10.66 -15.57
N LEU A 17 11.45 -9.68 -14.85
CA LEU A 17 11.37 -8.29 -15.30
C LEU A 17 12.37 -8.04 -16.41
N ASN A 18 12.03 -7.10 -17.29
CA ASN A 18 12.92 -6.67 -18.36
C ASN A 18 13.76 -5.49 -17.87
N TRP A 19 14.65 -5.01 -18.75
CA TRP A 19 15.51 -3.89 -18.36
C TRP A 19 14.71 -2.63 -18.09
N ASP A 20 13.69 -2.36 -18.91
CA ASP A 20 12.84 -1.20 -18.69
C ASP A 20 12.21 -1.22 -17.30
N GLN A 21 11.77 -2.41 -16.86
CA GLN A 21 11.15 -2.52 -15.54
C GLN A 21 12.19 -2.50 -14.43
N VAL A 22 13.32 -3.19 -14.63
CA VAL A 22 14.38 -3.18 -13.63
C VAL A 22 14.93 -1.77 -13.45
N SER A 23 15.06 -1.03 -14.56
CA SER A 23 15.57 0.34 -14.48
C SER A 23 14.65 1.22 -13.66
N ARG A 24 13.35 1.12 -13.90
CA ARG A 24 12.40 1.92 -13.12
C ARG A 24 12.36 1.47 -11.67
N LEU A 25 12.52 0.17 -11.42
CA LEU A 25 12.67 -0.31 -10.06
C LEU A 25 13.86 0.35 -9.37
N HIS A 26 14.98 0.48 -10.08
CA HIS A 26 16.17 1.10 -9.51
C HIS A 26 15.91 2.56 -9.16
N GLU A 27 15.18 3.28 -10.00
CA GLU A 27 14.85 4.67 -9.70
C GLU A 27 13.96 4.77 -8.46
N VAL A 28 12.98 3.88 -8.34
CA VAL A 28 12.08 3.90 -7.18
C VAL A 28 12.87 3.68 -5.90
N LEU A 29 13.80 2.72 -5.92
CA LEU A 29 14.56 2.39 -4.71
C LEU A 29 15.60 3.45 -4.37
N THR A 30 16.05 4.24 -5.34
CA THR A 30 17.07 5.25 -5.12
C THR A 30 16.53 6.67 -5.14
N GLU A 31 15.21 6.85 -5.30
CA GLU A 31 14.64 8.19 -5.26
C GLU A 31 14.73 8.77 -3.85
N VAL A 32 15.12 10.04 -3.77
CA VAL A 32 15.22 10.73 -2.49
C VAL A 32 13.81 11.14 -2.06
N VAL A 33 13.33 10.59 -0.97
CA VAL A 33 11.97 10.81 -0.47
C VAL A 33 12.07 11.55 0.85
N PRO A 34 11.53 12.77 0.97
CA PRO A 34 11.56 13.47 2.25
C PRO A 34 10.53 12.91 3.23
N ILE A 35 10.98 12.73 4.47
CA ILE A 35 10.12 12.25 5.55
C ILE A 35 9.95 13.39 6.54
N HIS A 36 8.72 13.89 6.65
CA HIS A 36 8.45 15.07 7.48
C HIS A 36 8.65 14.74 8.95
N GLY A 37 9.19 15.71 9.69
CA GLY A 37 9.44 15.56 11.11
C GLY A 37 8.58 16.54 11.91
N ARG A 38 7.87 16.00 12.88
CA ARG A 38 7.00 16.79 13.73
C ARG A 38 7.80 17.51 14.80
N GLY A 39 7.50 18.80 14.99
CA GLY A 39 8.19 19.61 15.97
C GLY A 39 9.47 20.21 15.45
N ASN A 40 10.48 20.33 16.32
CA ASN A 40 11.81 20.85 15.96
C ASN A 40 12.62 19.85 15.15
N PHE A 41 12.02 18.77 14.66
CA PHE A 41 12.83 17.77 13.98
C PHE A 41 12.92 18.07 12.49
N PRO A 42 14.10 17.88 11.90
CA PRO A 42 14.27 18.10 10.46
C PRO A 42 13.65 16.99 9.65
N THR A 43 13.42 17.29 8.38
CA THR A 43 12.90 16.30 7.45
C THR A 43 14.01 15.34 7.04
N LEU A 44 13.71 14.05 7.07
CA LEU A 44 14.69 13.02 6.70
C LEU A 44 14.64 12.78 5.20
N GLU A 45 15.78 12.89 4.53
CA GLU A 45 15.91 12.60 3.11
C GLU A 45 16.41 11.16 3.00
N ILE A 46 15.48 10.24 2.80
CA ILE A 46 15.79 8.82 2.76
C ILE A 46 15.56 8.28 1.36
N THR A 47 16.10 7.10 1.10
CA THR A 47 15.78 6.31 -0.07
C THR A 47 15.33 4.94 0.39
N LEU A 48 14.50 4.28 -0.43
CA LEU A 48 14.05 2.94 -0.09
C LEU A 48 15.21 1.96 -0.04
N LYS A 49 16.21 2.16 -0.91
CA LYS A 49 17.38 1.29 -0.92
C LYS A 49 18.13 1.37 0.40
N ASP A 50 18.39 2.57 0.88
CA ASP A 50 19.19 2.75 2.09
C ASP A 50 18.46 2.23 3.33
N ILE A 51 17.15 2.48 3.41
CA ILE A 51 16.42 2.06 4.60
C ILE A 51 16.27 0.55 4.64
N VAL A 52 16.16 -0.09 3.47
CA VAL A 52 16.07 -1.56 3.44
C VAL A 52 17.38 -2.18 3.88
N GLN A 53 18.50 -1.69 3.34
CA GLN A 53 19.80 -2.23 3.71
C GLN A 53 20.08 -2.06 5.19
N THR A 54 19.69 -0.91 5.76
CA THR A 54 19.91 -0.68 7.17
C THR A 54 19.03 -1.59 8.02
N VAL A 55 17.74 -1.71 7.65
CA VAL A 55 16.82 -2.53 8.44
C VAL A 55 17.19 -4.01 8.33
N ARG A 56 17.42 -4.50 7.10
CA ARG A 56 17.71 -5.92 6.91
C ARG A 56 19.04 -6.29 7.56
N GLY A 57 20.05 -5.41 7.46
CA GLY A 57 21.32 -5.69 8.08
C GLY A 57 21.23 -5.77 9.59
N ARG A 58 20.53 -4.82 10.20
CA ARG A 58 20.44 -4.80 11.66
C ARG A 58 19.47 -5.86 12.18
N LEU A 59 18.51 -6.29 11.35
CA LEU A 59 17.62 -7.38 11.76
C LEU A 59 18.36 -8.71 11.82
N GLU A 60 19.04 -9.07 10.73
CA GLU A 60 19.79 -10.33 10.71
C GLU A 60 20.92 -10.32 11.72
N GLU A 61 21.52 -9.14 11.97
CA GLU A 61 22.55 -9.04 12.99
C GLU A 61 21.99 -9.34 14.38
N ALA A 62 20.72 -9.04 14.60
CA ALA A 62 20.07 -9.27 15.89
C ALA A 62 19.37 -10.63 15.97
N GLY A 63 19.60 -11.51 15.00
CA GLY A 63 19.06 -12.85 15.05
C GLY A 63 17.72 -13.06 14.37
N ILE A 64 17.21 -12.05 13.67
CA ILE A 64 15.95 -12.16 12.95
C ILE A 64 16.27 -12.34 11.47
N ASN A 65 16.07 -13.56 10.97
CA ASN A 65 16.34 -13.84 9.56
C ASN A 65 15.31 -13.15 8.68
N VAL A 66 15.80 -12.44 7.66
CA VAL A 66 14.95 -11.77 6.68
C VAL A 66 14.85 -12.71 5.48
N GLN A 67 13.72 -13.38 5.34
CA GLN A 67 13.55 -14.36 4.27
C GLN A 67 13.59 -13.69 2.90
N ASP A 68 12.88 -12.58 2.74
CA ASP A 68 12.93 -11.81 1.51
C ASP A 68 12.33 -10.43 1.77
N VAL A 69 12.66 -9.50 0.89
CA VAL A 69 12.14 -8.13 0.91
C VAL A 69 11.42 -7.88 -0.41
N ARG A 70 10.24 -7.29 -0.34
CA ARG A 70 9.40 -7.09 -1.52
C ARG A 70 8.88 -5.66 -1.58
N LEU A 71 8.78 -5.15 -2.79
CA LEU A 71 8.11 -3.88 -3.05
C LEU A 71 6.66 -4.16 -3.41
N ASN A 72 5.74 -3.50 -2.70
CA ASN A 72 4.32 -3.77 -2.81
C ASN A 72 3.58 -2.49 -3.16
N GLY A 73 2.32 -2.64 -3.53
CA GLY A 73 1.44 -1.50 -3.73
C GLY A 73 1.52 -0.94 -5.14
N SER A 74 1.15 0.34 -5.24
CA SER A 74 1.15 1.01 -6.53
C SER A 74 2.55 1.15 -7.09
N ALA A 75 3.56 1.23 -6.22
CA ALA A 75 4.94 1.31 -6.69
C ALA A 75 5.32 0.08 -7.51
N ALA A 76 4.94 -1.10 -7.05
CA ALA A 76 5.21 -2.32 -7.81
C ALA A 76 4.50 -2.29 -9.15
N GLY A 77 3.28 -1.75 -9.19
CA GLY A 77 2.58 -1.61 -10.45
C GLY A 77 3.26 -0.61 -11.37
N HIS A 78 3.80 0.48 -10.82
CA HIS A 78 4.49 1.46 -11.64
C HIS A 78 5.79 0.90 -12.21
N VAL A 79 6.46 0.02 -11.47
CA VAL A 79 7.68 -0.60 -12.01
C VAL A 79 7.34 -1.51 -13.18
N LEU A 80 6.19 -2.18 -13.13
CA LEU A 80 5.80 -3.06 -14.23
C LEU A 80 5.24 -2.27 -15.42
N VAL A 81 4.45 -1.23 -15.15
CA VAL A 81 3.83 -0.43 -16.20
C VAL A 81 4.00 1.04 -15.81
N LYS A 82 4.77 1.78 -16.60
CA LYS A 82 5.01 3.19 -16.31
C LYS A 82 3.73 4.00 -16.51
N ASP A 83 3.40 4.83 -15.53
CA ASP A 83 2.25 5.73 -15.59
C ASP A 83 0.97 4.97 -15.94
N ASN A 84 0.69 3.92 -15.18
CA ASN A 84 -0.47 3.08 -15.43
C ASN A 84 -1.78 3.72 -14.99
N GLY A 85 -1.73 4.80 -14.23
CA GLY A 85 -2.93 5.48 -13.75
C GLY A 85 -3.23 5.30 -12.29
N LEU A 86 -2.43 4.52 -11.57
CA LEU A 86 -2.66 4.26 -10.15
C LEU A 86 -1.83 5.15 -9.24
N GLY A 87 -1.03 6.04 -9.80
CA GLY A 87 -0.23 6.95 -8.99
C GLY A 87 1.01 6.29 -8.43
N CYS A 88 1.81 7.12 -7.74
CA CYS A 88 3.05 6.66 -7.14
C CYS A 88 3.27 7.27 -5.76
N LYS A 89 2.19 7.52 -5.02
CA LYS A 89 2.32 8.15 -3.71
C LYS A 89 2.88 7.16 -2.68
N ASP A 90 2.24 6.01 -2.53
CA ASP A 90 2.59 5.08 -1.46
C ASP A 90 3.76 4.20 -1.87
N LEU A 91 4.78 4.15 -1.02
CA LEU A 91 5.91 3.25 -1.17
C LEU A 91 5.78 2.18 -0.08
N ASP A 92 5.40 0.96 -0.50
CA ASP A 92 5.11 -0.12 0.42
C ASP A 92 6.21 -1.17 0.34
N LEU A 93 6.78 -1.52 1.49
CA LEU A 93 7.83 -2.53 1.58
C LEU A 93 7.38 -3.66 2.50
N ILE A 94 7.76 -4.88 2.17
CA ILE A 94 7.40 -6.06 2.93
C ILE A 94 8.68 -6.79 3.33
N PHE A 95 8.81 -7.11 4.61
CA PHE A 95 9.92 -7.89 5.15
C PHE A 95 9.37 -9.19 5.70
N HIS A 96 9.64 -10.29 5.01
CA HIS A 96 9.22 -11.62 5.49
C HIS A 96 10.19 -12.04 6.59
N VAL A 97 9.77 -11.86 7.84
CA VAL A 97 10.57 -12.23 9.00
C VAL A 97 9.70 -13.00 9.98
N ALA A 98 10.30 -13.96 10.65
CA ALA A 98 9.58 -14.74 11.66
C ALA A 98 9.51 -13.94 12.96
N LEU A 99 8.30 -13.87 13.53
CA LEU A 99 8.04 -13.13 14.76
C LEU A 99 7.39 -14.07 15.77
N PRO A 100 8.19 -14.94 16.41
CA PRO A 100 7.60 -15.91 17.34
C PRO A 100 7.08 -15.29 18.63
N THR A 101 7.88 -14.43 19.26
CA THR A 101 7.55 -13.87 20.56
C THR A 101 7.39 -12.36 20.46
N GLU A 102 7.11 -11.74 21.60
CA GLU A 102 6.96 -10.29 21.65
C GLU A 102 8.30 -9.58 21.46
N ALA A 103 9.39 -10.20 21.89
CA ALA A 103 10.71 -9.57 21.75
C ALA A 103 11.04 -9.28 20.29
N GLU A 104 10.57 -10.11 19.36
CA GLU A 104 10.82 -9.85 17.95
C GLU A 104 10.06 -8.62 17.47
N PHE A 105 8.85 -8.40 17.99
CA PHE A 105 8.08 -7.23 17.59
C PHE A 105 8.75 -5.94 18.05
N GLN A 106 9.25 -5.93 19.29
CA GLN A 106 9.95 -4.74 19.78
C GLN A 106 11.28 -4.55 19.04
N LEU A 107 11.95 -5.64 18.70
CA LEU A 107 13.20 -5.54 17.97
C LEU A 107 12.99 -4.93 16.59
N VAL A 108 11.87 -5.28 15.94
CA VAL A 108 11.57 -4.72 14.63
C VAL A 108 11.36 -3.21 14.72
N ARG A 109 10.64 -2.77 15.76
CA ARG A 109 10.43 -1.33 15.95
C ARG A 109 11.75 -0.62 16.21
N ASP A 110 12.58 -1.17 17.09
CA ASP A 110 13.84 -0.51 17.44
C ASP A 110 14.78 -0.42 16.26
N VAL A 111 14.78 -1.43 15.38
CA VAL A 111 15.64 -1.39 14.19
C VAL A 111 15.16 -0.30 13.23
N VAL A 112 13.84 -0.17 13.06
CA VAL A 112 13.30 0.85 12.17
C VAL A 112 13.62 2.25 12.69
N LEU A 113 13.44 2.46 13.99
CA LEU A 113 13.76 3.75 14.59
C LEU A 113 15.26 4.04 14.51
N CYS A 114 16.09 3.00 14.61
CA CYS A 114 17.52 3.19 14.39
C CYS A 114 17.82 3.54 12.94
N SER A 115 17.07 2.95 12.00
CA SER A 115 17.27 3.29 10.60
C SER A 115 16.94 4.75 10.33
N LEU A 116 15.92 5.28 11.01
CA LEU A 116 15.63 6.72 10.91
C LEU A 116 16.75 7.55 11.51
N LEU A 117 17.40 7.04 12.56
CA LEU A 117 18.54 7.75 13.15
C LEU A 117 19.69 7.87 12.17
N ASN A 118 19.80 6.92 11.23
CA ASN A 118 20.88 6.98 10.25
C ASN A 118 20.74 8.18 9.33
N PHE A 119 19.52 8.62 9.05
CA PHE A 119 19.27 9.75 8.15
C PHE A 119 19.13 11.07 8.89
N LEU A 120 19.30 11.08 10.21
CA LEU A 120 19.08 12.30 10.98
C LEU A 120 20.33 13.17 10.91
N PRO A 121 20.23 14.38 10.36
CA PRO A 121 21.40 15.25 10.22
C PRO A 121 21.69 16.02 11.51
N GLU A 122 22.78 16.77 11.49
CA GLU A 122 23.18 17.59 12.63
C GLU A 122 22.70 19.03 12.47
N LYS A 126 19.90 21.64 18.45
CA LYS A 126 20.17 20.46 19.26
C LYS A 126 18.88 19.80 19.72
N LEU A 127 18.78 18.50 19.49
CA LEU A 127 17.56 17.74 19.77
C LEU A 127 17.85 16.60 20.72
N LYS A 128 16.80 16.13 21.38
CA LYS A 128 16.85 14.94 22.21
C LYS A 128 16.38 13.74 21.39
N ILE A 129 17.19 12.69 21.35
CA ILE A 129 16.95 11.54 20.49
C ILE A 129 16.77 10.30 21.36
N SER A 130 15.72 9.54 21.09
CA SER A 130 15.41 8.31 21.81
C SER A 130 14.43 7.50 20.98
N PRO A 131 14.28 6.21 21.27
CA PRO A 131 13.24 5.44 20.56
C PRO A 131 11.84 6.02 20.71
N VAL A 132 11.45 6.38 21.94
CA VAL A 132 10.14 7.00 22.15
C VAL A 132 10.05 8.32 21.41
N THR A 133 11.15 9.07 21.33
CA THR A 133 11.12 10.36 20.69
C THR A 133 11.06 10.23 19.17
N LEU A 134 11.84 9.30 18.61
CA LEU A 134 11.84 9.12 17.16
C LEU A 134 10.51 8.60 16.65
N LYS A 135 9.81 7.79 17.45
CA LYS A 135 8.48 7.32 17.06
C LYS A 135 7.51 8.50 16.96
N GLU A 136 7.53 9.39 17.95
CA GLU A 136 6.67 10.56 17.92
C GLU A 136 7.02 11.50 16.79
N ALA A 137 8.30 11.57 16.41
CA ALA A 137 8.73 12.57 15.44
C ALA A 137 8.48 12.14 14.00
N TYR A 138 8.57 10.85 13.69
CA TYR A 138 8.54 10.40 12.30
C TYR A 138 7.55 9.28 12.00
N VAL A 139 7.03 8.57 13.00
CA VAL A 139 6.14 7.45 12.75
C VAL A 139 4.70 7.97 12.69
N GLN A 140 4.08 7.87 11.52
CA GLN A 140 2.70 8.32 11.36
C GLN A 140 1.73 7.36 12.03
N LYS A 141 1.82 6.08 11.69
CA LYS A 141 0.99 5.05 12.31
C LYS A 141 1.83 3.81 12.57
N LEU A 142 1.42 3.03 13.56
CA LEU A 142 2.11 1.79 13.89
C LEU A 142 1.06 0.81 14.41
N VAL A 143 0.57 -0.05 13.53
CA VAL A 143 -0.42 -1.06 13.89
C VAL A 143 0.30 -2.40 14.05
N LYS A 144 -0.24 -3.23 14.94
CA LYS A 144 0.37 -4.51 15.26
C LYS A 144 -0.71 -5.52 15.62
N VAL A 145 -0.65 -6.69 15.00
CA VAL A 145 -1.51 -7.81 15.33
C VAL A 145 -0.64 -9.01 15.70
N CYS A 146 -1.12 -9.81 16.66
CA CYS A 146 -0.32 -10.94 17.15
C CYS A 146 -1.30 -12.06 17.53
N THR A 147 -1.82 -12.74 16.53
CA THR A 147 -2.66 -13.92 16.72
C THR A 147 -2.06 -15.09 15.96
N ASP A 148 -2.66 -16.28 16.15
CA ASP A 148 -2.12 -17.48 15.53
C ASP A 148 -2.27 -17.46 14.01
N THR A 149 -3.27 -16.75 13.50
CA THR A 149 -3.46 -16.67 12.05
C THR A 149 -2.76 -15.47 11.42
N ASP A 150 -2.59 -14.38 12.16
CA ASP A 150 -1.96 -13.17 11.64
C ASP A 150 -0.89 -12.70 12.61
N ARG A 151 0.33 -12.57 12.11
CA ARG A 151 1.44 -12.01 12.89
C ARG A 151 2.23 -11.10 11.96
N TRP A 152 2.00 -9.79 12.07
CA TRP A 152 2.73 -8.82 11.27
C TRP A 152 2.68 -7.46 11.96
N SER A 153 3.75 -6.70 11.79
CA SER A 153 3.87 -5.35 12.31
C SER A 153 4.03 -4.38 11.16
N LEU A 154 3.37 -3.23 11.26
CA LEU A 154 3.39 -2.21 10.21
C LEU A 154 3.80 -0.89 10.82
N ILE A 155 4.77 -0.22 10.18
CA ILE A 155 5.24 1.09 10.62
C ILE A 155 5.17 2.03 9.42
N SER A 156 4.38 3.09 9.54
CA SER A 156 4.23 4.09 8.50
C SER A 156 4.97 5.36 8.89
N LEU A 157 5.58 6.01 7.90
CA LEU A 157 6.29 7.27 8.13
C LEU A 157 5.36 8.44 7.85
N SER A 158 5.76 9.61 8.34
CA SER A 158 4.92 10.80 8.23
C SER A 158 4.61 11.12 6.78
N ASN A 159 3.35 11.44 6.51
CA ASN A 159 2.87 11.63 5.15
C ASN A 159 2.52 13.08 4.84
N LYS A 160 2.94 14.03 5.68
CA LYS A 160 2.74 15.44 5.33
C LYS A 160 3.56 15.83 4.11
N ASN A 161 4.63 15.10 3.82
CA ASN A 161 5.30 15.23 2.53
C ASN A 161 4.31 14.96 1.39
N GLY A 162 3.37 14.05 1.61
CA GLY A 162 2.41 13.63 0.60
C GLY A 162 2.52 12.16 0.25
N ARG A 163 3.71 11.58 0.39
CA ARG A 163 3.92 10.17 0.11
C ARG A 163 3.82 9.36 1.40
N ASN A 164 3.49 8.08 1.25
CA ASN A 164 3.31 7.17 2.37
C ASN A 164 4.36 6.06 2.26
N VAL A 165 5.30 6.05 3.20
CA VAL A 165 6.31 5.00 3.29
C VAL A 165 5.87 4.03 4.38
N GLU A 166 5.50 2.82 3.98
CA GLU A 166 5.04 1.79 4.90
C GLU A 166 6.07 0.67 4.96
N LEU A 167 6.47 0.30 6.16
CA LEU A 167 7.36 -0.84 6.41
C LEU A 167 6.54 -1.94 7.07
N LYS A 168 6.24 -2.99 6.32
CA LYS A 168 5.40 -4.08 6.80
C LYS A 168 6.28 -5.30 7.02
N PHE A 169 6.31 -5.79 8.26
CA PHE A 169 7.10 -6.95 8.65
C PHE A 169 6.13 -8.09 8.92
N VAL A 170 6.00 -9.01 7.98
CA VAL A 170 5.00 -10.05 8.02
C VAL A 170 5.65 -11.38 8.39
N ASP A 171 5.06 -12.08 9.35
CA ASP A 171 5.42 -13.47 9.65
C ASP A 171 4.43 -14.42 8.99
N SER A 172 3.14 -14.25 9.28
CA SER A 172 2.08 -14.97 8.61
C SER A 172 0.86 -14.05 8.57
N ILE A 173 0.19 -14.03 7.42
CA ILE A 173 -0.99 -13.19 7.25
C ILE A 173 -1.92 -13.88 6.25
N ARG A 174 -3.18 -14.06 6.66
CA ARG A 174 -4.17 -14.62 5.74
C ARG A 174 -4.40 -13.65 4.59
N ARG A 175 -4.62 -14.20 3.40
CA ARG A 175 -4.60 -13.42 2.18
C ARG A 175 -5.61 -12.28 2.22
N GLN A 176 -5.12 -11.06 1.98
CA GLN A 176 -5.96 -9.88 1.87
C GLN A 176 -6.46 -9.75 0.44
N PHE A 177 -7.65 -9.18 0.28
CA PHE A 177 -8.23 -9.01 -1.04
C PHE A 177 -7.73 -7.73 -1.70
N GLU A 178 -7.41 -7.84 -2.98
CA GLU A 178 -7.18 -6.70 -3.85
C GLU A 178 -7.51 -7.11 -5.28
N PHE A 179 -7.77 -6.12 -6.11
CA PHE A 179 -7.99 -6.39 -7.51
C PHE A 179 -6.66 -6.73 -8.20
N SER A 180 -6.77 -7.13 -9.48
CA SER A 180 -5.60 -7.62 -10.21
C SER A 180 -4.50 -6.56 -10.27
N VAL A 181 -4.88 -5.32 -10.59
CA VAL A 181 -3.91 -4.25 -10.79
C VAL A 181 -3.20 -3.82 -9.50
N ASP A 182 -3.64 -4.31 -8.34
CA ASP A 182 -3.06 -3.93 -7.07
C ASP A 182 -2.41 -5.09 -6.34
N SER A 183 -2.15 -6.21 -7.02
CA SER A 183 -1.67 -7.43 -6.39
C SER A 183 -0.22 -7.75 -6.73
N PHE A 184 0.52 -6.78 -7.27
CA PHE A 184 1.88 -7.03 -7.73
C PHE A 184 2.88 -6.79 -6.60
N GLN A 185 3.83 -7.71 -6.47
CA GLN A 185 4.96 -7.59 -5.56
C GLN A 185 6.23 -7.90 -6.31
N ILE A 186 7.31 -7.22 -5.94
CA ILE A 186 8.60 -7.35 -6.61
C ILE A 186 9.64 -7.78 -5.58
N ILE A 187 10.16 -8.99 -5.76
CA ILE A 187 11.20 -9.50 -4.86
C ILE A 187 12.49 -8.76 -5.13
N LEU A 188 13.02 -8.10 -4.10
CA LEU A 188 14.18 -7.23 -4.22
C LEU A 188 15.49 -7.91 -3.86
N ASP A 189 15.46 -9.16 -3.39
CA ASP A 189 16.65 -9.78 -2.83
C ASP A 189 17.78 -9.85 -3.85
N SER A 190 17.47 -10.17 -5.11
CA SER A 190 18.51 -10.25 -6.12
C SER A 190 19.11 -8.89 -6.42
N LEU A 191 18.31 -7.82 -6.30
CA LEU A 191 18.82 -6.48 -6.53
C LEU A 191 19.54 -5.92 -5.30
N LEU A 192 19.11 -6.30 -4.10
CA LEU A 192 19.81 -5.88 -2.90
C LEU A 192 21.17 -6.55 -2.80
N PHE A 193 21.25 -7.83 -3.16
CA PHE A 193 22.55 -8.50 -3.23
C PHE A 193 23.45 -7.84 -4.27
N PHE A 194 22.85 -7.39 -5.38
CA PHE A 194 23.62 -6.68 -6.39
C PHE A 194 24.16 -5.36 -5.86
N TYR A 195 23.36 -4.64 -5.07
CA TYR A 195 23.79 -3.37 -4.52
C TYR A 195 25.02 -3.54 -3.61
N ASP A 196 25.10 -4.66 -2.89
CA ASP A 196 26.18 -4.85 -1.93
C ASP A 196 27.46 -5.36 -2.58
N CYS A 197 27.36 -6.07 -3.70
CA CYS A 197 28.50 -6.77 -4.27
C CYS A 197 28.98 -6.22 -5.62
N SER A 198 28.17 -5.40 -6.30
CA SER A 198 28.55 -4.92 -7.62
C SER A 198 29.67 -3.89 -7.52
N GLY A 199 30.69 -4.05 -8.36
CA GLY A 199 31.72 -3.04 -8.51
C GLY A 199 31.41 -1.98 -9.53
N ASN A 200 30.37 -2.19 -10.34
CA ASN A 200 29.92 -1.25 -11.35
C ASN A 200 28.45 -0.89 -11.09
N PRO A 201 28.01 0.30 -11.52
CA PRO A 201 26.60 0.65 -11.38
C PRO A 201 25.73 -0.22 -12.28
N ILE A 202 24.47 -0.36 -11.88
CA ILE A 202 23.53 -1.16 -12.64
C ILE A 202 23.33 -0.54 -14.02
N SER A 203 23.34 -1.37 -15.05
CA SER A 203 23.24 -0.90 -16.42
C SER A 203 22.48 -1.92 -17.25
N GLU A 204 22.21 -1.56 -18.51
CA GLU A 204 21.54 -2.48 -19.42
C GLU A 204 22.42 -3.69 -19.72
N HIS A 205 23.74 -3.50 -19.79
CA HIS A 205 24.64 -4.60 -20.07
C HIS A 205 24.97 -5.43 -18.84
N PHE A 206 24.72 -4.90 -17.64
CA PHE A 206 25.06 -5.61 -16.40
C PHE A 206 24.00 -5.26 -15.35
N HIS A 207 23.03 -6.15 -15.18
CA HIS A 207 21.98 -5.98 -14.18
C HIS A 207 21.48 -7.34 -13.75
N PRO A 208 21.03 -7.48 -12.51
CA PRO A 208 20.58 -8.79 -12.02
C PRO A 208 19.20 -9.15 -12.54
N THR A 209 18.81 -10.40 -12.26
CA THR A 209 17.51 -10.92 -12.66
C THR A 209 16.51 -10.64 -11.54
N VAL A 210 15.51 -9.80 -11.83
CA VAL A 210 14.51 -9.38 -10.86
C VAL A 210 13.21 -10.09 -11.17
N ILE A 211 12.58 -10.65 -10.14
CA ILE A 211 11.35 -11.42 -10.29
C ILE A 211 10.20 -10.64 -9.68
N GLY A 212 9.07 -10.62 -10.40
CA GLY A 212 7.85 -10.03 -9.91
C GLY A 212 6.80 -11.11 -9.70
N GLU A 213 5.89 -10.87 -8.76
CA GLU A 213 4.83 -11.82 -8.45
C GLU A 213 3.50 -11.10 -8.35
N SER A 214 2.46 -11.74 -8.90
CA SER A 214 1.08 -11.28 -8.75
C SER A 214 0.38 -12.18 -7.76
N MET A 215 -0.02 -11.61 -6.62
CA MET A 215 -0.82 -12.37 -5.66
C MET A 215 -2.19 -12.72 -6.20
N TYR A 216 -2.61 -12.10 -7.31
CA TYR A 216 -3.90 -12.40 -7.92
C TYR A 216 -3.96 -13.83 -8.43
N GLY A 217 -2.84 -14.32 -8.98
CA GLY A 217 -2.79 -15.69 -9.45
C GLY A 217 -2.02 -15.88 -10.73
N ASP A 218 -2.36 -15.12 -11.77
CA ASP A 218 -1.71 -15.21 -13.07
C ASP A 218 -1.10 -13.87 -13.40
N PHE A 219 0.23 -13.82 -13.51
CA PHE A 219 0.92 -12.56 -13.75
C PHE A 219 0.50 -11.94 -15.07
N GLU A 220 0.53 -12.73 -16.16
CA GLU A 220 0.21 -12.19 -17.48
C GLU A 220 -1.22 -11.66 -17.53
N GLU A 221 -2.16 -12.37 -16.92
CA GLU A 221 -3.54 -11.89 -16.89
C GLU A 221 -3.65 -10.60 -16.09
N ALA A 222 -2.99 -10.54 -14.93
CA ALA A 222 -3.01 -9.32 -14.14
C ALA A 222 -2.21 -8.21 -14.80
N PHE A 223 -1.11 -8.57 -15.48
CA PHE A 223 -0.34 -7.57 -16.20
C PHE A 223 -1.13 -6.97 -17.36
N ASP A 224 -1.91 -7.81 -18.05
CA ASP A 224 -2.77 -7.30 -19.11
C ASP A 224 -3.84 -6.37 -18.57
N HIS A 225 -4.37 -6.69 -17.39
CA HIS A 225 -5.37 -5.82 -16.76
C HIS A 225 -4.80 -4.45 -16.45
N LEU A 226 -3.57 -4.40 -15.94
CA LEU A 226 -2.94 -3.13 -15.64
C LEU A 226 -2.60 -2.36 -16.91
N GLN A 227 -2.30 -3.07 -18.00
CA GLN A 227 -1.96 -2.40 -19.24
C GLN A 227 -3.19 -1.82 -19.92
N ASN A 228 -4.35 -2.45 -19.74
CA ASN A 228 -5.60 -1.99 -20.33
C ASN A 228 -6.51 -1.30 -19.31
N ARG A 229 -6.02 -1.11 -18.08
CA ARG A 229 -6.77 -0.46 -17.01
C ARG A 229 -8.14 -1.12 -16.80
N LEU A 230 -8.07 -2.37 -16.34
CA LEU A 230 -9.24 -3.22 -16.16
C LEU A 230 -9.40 -3.61 -14.71
N ILE A 231 -10.64 -3.63 -14.24
CA ILE A 231 -10.98 -4.06 -12.89
C ILE A 231 -11.38 -5.53 -12.95
N ALA A 232 -10.68 -6.38 -12.19
CA ALA A 232 -10.96 -7.80 -12.21
C ALA A 232 -10.52 -8.44 -10.90
N THR A 233 -11.19 -9.53 -10.55
CA THR A 233 -10.83 -10.32 -9.38
C THR A 233 -11.33 -11.74 -9.59
N LYS A 234 -10.63 -12.70 -8.98
CA LYS A 234 -11.01 -14.11 -9.07
C LYS A 234 -11.44 -14.71 -7.73
N ASN A 235 -11.30 -13.97 -6.63
CA ASN A 235 -11.69 -14.45 -5.31
C ASN A 235 -12.61 -13.43 -4.66
N PRO A 236 -13.86 -13.31 -5.14
CA PRO A 236 -14.76 -12.30 -4.57
C PRO A 236 -15.19 -12.59 -3.15
N GLU A 237 -15.17 -13.86 -2.73
CA GLU A 237 -15.61 -14.20 -1.39
C GLU A 237 -14.70 -13.61 -0.31
N GLU A 238 -13.45 -13.32 -0.64
CA GLU A 238 -12.53 -12.71 0.31
C GLU A 238 -12.71 -11.21 0.45
N ILE A 239 -13.66 -10.61 -0.28
CA ILE A 239 -13.89 -9.19 -0.20
C ILE A 239 -14.59 -8.86 1.11
N ARG A 240 -14.06 -7.87 1.82
CA ARG A 240 -14.68 -7.35 3.04
C ARG A 240 -15.12 -5.91 2.80
N GLY A 241 -15.43 -5.19 3.89
CA GLY A 241 -16.04 -3.87 3.75
C GLY A 241 -15.18 -2.88 2.98
N GLY A 242 -13.86 -3.01 3.07
CA GLY A 242 -12.97 -2.11 2.35
C GLY A 242 -12.97 -2.30 0.84
N GLY A 243 -13.53 -3.40 0.35
CA GLY A 243 -13.50 -3.65 -1.08
C GLY A 243 -14.24 -2.59 -1.88
N LEU A 244 -15.32 -2.04 -1.31
CA LEU A 244 -16.04 -0.97 -1.98
C LEU A 244 -15.16 0.25 -2.18
N LEU A 245 -14.27 0.53 -1.22
CA LEU A 245 -13.42 1.70 -1.32
C LEU A 245 -12.29 1.49 -2.32
N LYS A 246 -11.74 0.28 -2.39
CA LYS A 246 -10.74 -0.04 -3.39
C LYS A 246 -11.33 0.00 -4.80
N TYR A 247 -12.56 -0.54 -4.95
CA TYR A 247 -13.21 -0.55 -6.25
C TYR A 247 -13.51 0.86 -6.73
N SER A 248 -13.92 1.75 -5.82
CA SER A 248 -14.21 3.13 -6.21
C SER A 248 -12.94 3.89 -6.55
N ASN A 249 -11.81 3.53 -5.94
CA ASN A 249 -10.54 4.18 -6.28
C ASN A 249 -10.14 3.85 -7.70
N LEU A 250 -10.36 2.62 -8.15
CA LEU A 250 -10.05 2.25 -9.52
C LEU A 250 -10.96 2.96 -10.50
N LEU A 251 -12.25 3.11 -10.15
CA LEU A 251 -13.20 3.75 -11.05
C LEU A 251 -12.86 5.21 -11.27
N VAL A 252 -12.55 5.94 -10.20
CA VAL A 252 -12.22 7.36 -10.32
C VAL A 252 -10.94 7.55 -11.12
N ARG A 253 -10.12 6.52 -11.27
CA ARG A 253 -8.91 6.56 -12.07
C ARG A 253 -9.10 5.97 -13.45
N ASP A 254 -10.34 5.93 -13.94
CA ASP A 254 -10.69 5.52 -15.31
C ASP A 254 -10.37 4.06 -15.58
N PHE A 255 -10.45 3.21 -14.56
CA PHE A 255 -10.33 1.77 -14.73
C PHE A 255 -11.72 1.19 -14.97
N ARG A 256 -11.89 0.48 -16.07
CA ARG A 256 -13.17 -0.11 -16.42
C ARG A 256 -13.26 -1.55 -15.91
N PRO A 257 -14.45 -2.00 -15.52
CA PRO A 257 -14.62 -3.40 -15.13
C PRO A 257 -14.37 -4.32 -16.32
N ALA A 258 -13.43 -5.25 -16.16
CA ALA A 258 -13.06 -6.15 -17.24
C ALA A 258 -14.18 -7.09 -17.62
N ASP A 259 -15.11 -7.39 -16.71
CA ASP A 259 -16.20 -8.33 -16.94
C ASP A 259 -17.51 -7.60 -16.72
N GLN A 260 -18.03 -6.98 -17.79
CA GLN A 260 -19.38 -6.46 -17.74
C GLN A 260 -20.39 -7.60 -17.66
N GLU A 261 -21.63 -7.24 -17.32
CA GLU A 261 -22.71 -8.21 -17.05
C GLU A 261 -22.42 -8.99 -15.76
N GLU A 262 -21.24 -8.76 -15.18
CA GLU A 262 -20.86 -9.36 -13.90
C GLU A 262 -20.64 -8.33 -12.82
N ILE A 263 -20.39 -7.07 -13.19
CA ILE A 263 -20.04 -6.05 -12.21
C ILE A 263 -21.25 -5.66 -11.37
N LYS A 264 -22.47 -5.82 -11.91
CA LYS A 264 -23.66 -5.52 -11.12
C LYS A 264 -23.78 -6.46 -9.93
N THR A 265 -23.50 -7.74 -10.14
CA THR A 265 -23.52 -8.69 -9.04
C THR A 265 -22.37 -8.42 -8.05
N LEU A 266 -21.22 -7.98 -8.57
CA LEU A 266 -20.08 -7.68 -7.70
C LEU A 266 -20.30 -6.40 -6.92
N GLU A 267 -20.86 -5.37 -7.57
CA GLU A 267 -21.12 -4.11 -6.87
C GLU A 267 -22.11 -4.32 -5.73
N ARG A 268 -23.17 -5.08 -5.97
CA ARG A 268 -24.12 -5.40 -4.91
C ARG A 268 -23.44 -6.12 -3.76
N TYR A 269 -22.55 -7.06 -4.08
CA TYR A 269 -21.84 -7.79 -3.04
C TYR A 269 -20.91 -6.87 -2.25
N MET A 270 -20.30 -5.90 -2.92
CA MET A 270 -19.39 -4.98 -2.23
C MET A 270 -20.14 -4.01 -1.34
N CYS A 271 -21.36 -3.61 -1.74
CA CYS A 271 -22.15 -2.75 -0.87
C CYS A 271 -22.64 -3.51 0.36
N SER A 272 -23.08 -4.76 0.17
CA SER A 272 -23.51 -5.57 1.31
C SER A 272 -22.36 -5.79 2.27
N ARG A 273 -21.18 -6.15 1.75
CA ARG A 273 -20.01 -6.34 2.61
C ARG A 273 -19.60 -5.05 3.31
N PHE A 274 -19.77 -3.91 2.64
CA PHE A 274 -19.47 -2.62 3.27
C PHE A 274 -20.37 -2.37 4.48
N PHE A 275 -21.67 -2.58 4.30
CA PHE A 275 -22.62 -2.33 5.38
C PHE A 275 -22.47 -3.33 6.52
N ILE A 276 -22.13 -4.57 6.21
CA ILE A 276 -21.93 -5.57 7.26
C ILE A 276 -20.74 -5.21 8.12
N ASP A 277 -19.64 -4.77 7.51
CA ASP A 277 -18.44 -4.45 8.27
C ASP A 277 -18.54 -3.11 8.96
N PHE A 278 -19.27 -2.15 8.39
CA PHE A 278 -19.43 -0.81 8.96
C PHE A 278 -20.91 -0.53 9.15
N PRO A 279 -21.52 -1.09 10.22
CA PRO A 279 -22.95 -0.83 10.43
C PRO A 279 -23.24 0.56 10.94
N ASP A 280 -22.40 1.09 11.82
CA ASP A 280 -22.62 2.43 12.36
C ASP A 280 -22.29 3.49 11.33
N ILE A 281 -23.12 4.53 11.27
CA ILE A 281 -22.88 5.60 10.30
C ILE A 281 -21.69 6.45 10.72
N LEU A 282 -21.46 6.58 12.03
CA LEU A 282 -20.27 7.31 12.49
C LEU A 282 -18.99 6.55 12.17
N GLU A 283 -19.08 5.22 12.06
CA GLU A 283 -17.91 4.45 11.67
C GLU A 283 -17.61 4.61 10.18
N GLN A 284 -18.66 4.65 9.35
CA GLN A 284 -18.46 4.89 7.92
C GLN A 284 -17.86 6.27 7.68
N GLN A 285 -18.24 7.25 8.49
CA GLN A 285 -17.75 8.61 8.31
C GLN A 285 -16.24 8.69 8.56
N ARG A 286 -15.77 8.09 9.67
CA ARG A 286 -14.35 8.12 9.97
C ARG A 286 -13.54 7.30 8.97
N LYS A 287 -14.15 6.25 8.41
CA LYS A 287 -13.43 5.46 7.41
C LYS A 287 -13.26 6.25 6.12
N LEU A 288 -14.29 6.99 5.70
CA LEU A 288 -14.19 7.78 4.48
C LEU A 288 -13.28 8.99 4.68
N GLU A 289 -13.41 9.68 5.82
CA GLU A 289 -12.59 10.87 6.06
C GLU A 289 -11.10 10.52 6.06
N THR A 290 -10.73 9.42 6.72
CA THR A 290 -9.33 9.00 6.68
C THR A 290 -8.95 8.48 5.30
N TYR A 291 -9.90 7.93 4.55
CA TYR A 291 -9.60 7.49 3.19
C TYR A 291 -9.36 8.69 2.27
N LEU A 292 -10.16 9.75 2.42
CA LEU A 292 -10.00 10.92 1.58
C LEU A 292 -8.68 11.65 1.86
N GLN A 293 -8.15 11.50 3.07
CA GLN A 293 -6.91 12.16 3.44
C GLN A 293 -5.67 11.35 3.03
N ASN A 294 -5.74 10.03 3.12
CA ASN A 294 -4.60 9.17 2.82
C ASN A 294 -4.51 8.80 1.34
N HIS A 295 -5.47 9.22 0.52
CA HIS A 295 -5.46 8.89 -0.90
C HIS A 295 -5.59 10.07 -1.84
N PHE A 296 -6.17 11.19 -1.40
CA PHE A 296 -6.42 12.32 -2.30
C PHE A 296 -6.02 13.63 -1.63
N SER A 297 -4.85 13.65 -0.99
CA SER A 297 -4.34 14.90 -0.44
C SER A 297 -3.95 15.84 -1.57
N ASP A 298 -4.32 17.11 -1.42
CA ASP A 298 -4.08 18.15 -2.43
C ASP A 298 -4.78 17.83 -3.76
N GLU A 299 -5.83 17.01 -3.72
CA GLU A 299 -6.65 16.70 -4.89
C GLU A 299 -8.12 16.83 -4.49
N GLU A 300 -8.58 18.07 -4.34
CA GLU A 300 -9.96 18.31 -3.91
C GLU A 300 -10.96 17.82 -4.94
N ARG A 301 -10.66 18.03 -6.23
CA ARG A 301 -11.54 17.54 -7.28
C ARG A 301 -11.64 16.02 -7.25
N SER A 302 -10.51 15.33 -7.05
CA SER A 302 -10.54 13.89 -6.94
C SER A 302 -11.32 13.43 -5.72
N LYS A 303 -11.28 14.20 -4.64
CA LYS A 303 -12.12 13.90 -3.47
C LYS A 303 -13.59 13.91 -3.85
N TYR A 304 -14.02 14.93 -4.61
CA TYR A 304 -15.41 15.02 -5.02
C TYR A 304 -15.77 13.91 -6.00
N ASP A 305 -14.92 13.68 -7.00
CA ASP A 305 -15.21 12.66 -8.00
C ASP A 305 -15.24 11.27 -7.37
N TYR A 306 -14.37 11.01 -6.40
CA TYR A 306 -14.38 9.73 -5.71
C TYR A 306 -15.70 9.53 -4.96
N LEU A 307 -16.16 10.56 -4.26
CA LEU A 307 -17.42 10.45 -3.52
C LEU A 307 -18.60 10.28 -4.48
N MET A 308 -18.56 10.96 -5.63
CA MET A 308 -19.62 10.80 -6.60
C MET A 308 -19.63 9.40 -7.22
N ILE A 309 -18.45 8.81 -7.42
CA ILE A 309 -18.38 7.40 -7.80
C ILE A 309 -18.99 6.54 -6.70
N LEU A 310 -18.61 6.80 -5.45
CA LEU A 310 -19.11 6.02 -4.33
C LEU A 310 -20.63 6.17 -4.19
N ARG A 311 -21.15 7.35 -4.49
CA ARG A 311 -22.59 7.56 -4.45
C ARG A 311 -23.30 6.72 -5.51
N ARG A 312 -22.75 6.67 -6.72
CA ARG A 312 -23.40 5.94 -7.81
C ARG A 312 -23.45 4.45 -7.51
N VAL A 313 -22.38 3.90 -6.94
CA VAL A 313 -22.36 2.47 -6.63
C VAL A 313 -23.36 2.16 -5.52
N VAL A 314 -23.38 2.98 -4.48
CA VAL A 314 -24.30 2.73 -3.36
C VAL A 314 -25.74 2.93 -3.80
N ASN A 315 -25.99 3.94 -4.64
CA ASN A 315 -27.36 4.25 -5.03
C ASN A 315 -27.95 3.19 -5.94
N GLU A 316 -27.11 2.48 -6.71
CA GLU A 316 -27.60 1.54 -7.71
C GLU A 316 -27.40 0.08 -7.35
N SER A 317 -26.70 -0.22 -6.25
CA SER A 317 -26.36 -1.61 -5.93
C SER A 317 -26.73 -1.99 -4.51
N THR A 318 -27.60 -1.24 -3.85
CA THR A 318 -28.07 -1.57 -2.51
C THR A 318 -29.48 -2.15 -2.61
N VAL A 319 -29.70 -3.29 -1.96
CA VAL A 319 -30.95 -4.03 -2.06
C VAL A 319 -32.07 -3.29 -1.36
N CYS A 320 -33.32 -3.70 -1.63
CA CYS A 320 -34.47 -2.99 -1.07
C CYS A 320 -34.57 -3.17 0.44
N LEU A 321 -34.09 -4.30 0.97
CA LEU A 321 -34.18 -4.54 2.41
C LEU A 321 -33.35 -3.55 3.20
N MET A 322 -32.26 -3.06 2.62
CA MET A 322 -31.36 -2.12 3.29
C MET A 322 -31.54 -0.69 2.79
N GLY A 323 -32.78 -0.28 2.55
CA GLY A 323 -33.04 1.10 2.15
C GLY A 323 -32.62 2.10 3.20
N HIS A 324 -32.73 1.73 4.48
CA HIS A 324 -32.28 2.60 5.56
C HIS A 324 -30.78 2.85 5.46
N GLU A 325 -30.00 1.78 5.30
CA GLU A 325 -28.55 1.94 5.17
C GLU A 325 -28.19 2.69 3.90
N ARG A 326 -28.94 2.47 2.82
CA ARG A 326 -28.67 3.17 1.57
C ARG A 326 -28.87 4.67 1.73
N ARG A 327 -30.05 5.08 2.21
CA ARG A 327 -30.31 6.51 2.38
C ARG A 327 -29.35 7.13 3.39
N GLN A 328 -29.06 6.42 4.48
CA GLN A 328 -28.17 6.95 5.50
C GLN A 328 -26.76 7.14 4.95
N THR A 329 -26.27 6.18 4.16
CA THR A 329 -24.93 6.29 3.61
C THR A 329 -24.87 7.31 2.49
N LEU A 330 -25.91 7.34 1.63
CA LEU A 330 -25.95 8.34 0.57
C LEU A 330 -25.97 9.75 1.13
N ASN A 331 -26.65 9.95 2.27
CA ASN A 331 -26.67 11.26 2.89
C ASN A 331 -25.29 11.64 3.44
N LEU A 332 -24.59 10.67 4.04
CA LEU A 332 -23.23 10.93 4.50
C LEU A 332 -22.30 11.26 3.35
N ILE A 333 -22.47 10.55 2.22
CA ILE A 333 -21.63 10.82 1.05
C ILE A 333 -21.85 12.23 0.52
N SER A 334 -23.12 12.66 0.48
CA SER A 334 -23.42 14.01 0.00
C SER A 334 -22.86 15.06 0.94
N LEU A 335 -23.01 14.88 2.25
CA LEU A 335 -22.52 15.87 3.20
C LEU A 335 -21.00 15.96 3.20
N LEU A 336 -20.31 14.85 2.94
CA LEU A 336 -18.85 14.91 2.81
C LEU A 336 -18.45 15.63 1.54
N ALA A 337 -19.16 15.37 0.44
CA ALA A 337 -18.85 16.06 -0.82
C ALA A 337 -19.22 17.54 -0.74
N LEU A 338 -20.30 17.87 -0.03
CA LEU A 338 -20.68 19.27 0.12
C LEU A 338 -19.64 20.04 0.91
N ARG A 339 -19.03 19.41 1.92
CA ARG A 339 -18.00 20.09 2.69
C ARG A 339 -16.74 20.32 1.85
N VAL A 340 -16.46 19.43 0.90
CA VAL A 340 -15.35 19.66 -0.03
C VAL A 340 -15.65 20.86 -0.92
N LEU A 341 -16.89 20.95 -1.41
CA LEU A 341 -17.28 22.08 -2.26
C LEU A 341 -17.41 23.38 -1.46
N ALA A 342 -17.66 23.29 -0.15
CA ALA A 342 -17.83 24.50 0.65
C ALA A 342 -16.52 25.24 0.83
N GLU A 343 -15.42 24.51 0.97
CA GLU A 343 -14.10 25.12 1.16
C GLU A 343 -13.67 25.85 -0.12
CL CL B . -11.72 -6.06 1.45
C1 GOL C . 2.46 19.71 13.07
O1 GOL C . 2.49 18.60 12.21
C2 GOL C . 3.86 20.02 13.56
O2 GOL C . 4.79 19.27 12.82
C3 GOL C . 3.99 19.66 15.04
O3 GOL C . 3.69 18.29 15.21
#